data_6A6F
#
_entry.id   6A6F
#
_cell.length_a   64.873
_cell.length_b   30.665
_cell.length_c   77.955
_cell.angle_alpha   90.00
_cell.angle_beta   98.65
_cell.angle_gamma   90.00
#
_symmetry.space_group_name_H-M   'P 1 2 1'
#
loop_
_entity.id
_entity.type
_entity.pdbx_description
1 polymer 'Iron-sulfur cluster assembly scaffold protein NifU'
2 non-polymer GLYCEROL
3 non-polymer DI(HYDROXYETHYL)ETHER
4 non-polymer 'ZINC ION'
5 non-polymer 'NICKEL (II) ION'
6 water water
#
_entity_poly.entity_id   1
_entity_poly.type   'polypeptide(L)'
_entity_poly.pdbx_seq_one_letter_code
;GSHMIYSEFIMDYSKLKKFHGKIENAHKVEEGKNLSCGDEVTLYFLFDGDKIVDVKFEGHGCAISQASTNVMIEQIIGKT
KQEALEMMKNAENMMLGKEFDENVLGPIINFYDVKNYPMRVKCFLLPWKTLEIALKNE
;
_entity_poly.pdbx_strand_id   A,B
#
# COMPACT_ATOMS: atom_id res chain seq x y z
N GLY A 1 -12.68 -6.71 13.25
CA GLY A 1 -13.03 -5.60 14.17
C GLY A 1 -12.82 -4.20 13.65
N SER A 2 -12.40 -4.03 12.38
CA SER A 2 -12.03 -2.73 11.84
C SER A 2 -11.60 -2.84 10.40
N HIS A 3 -11.30 -4.05 10.02
CA HIS A 3 -11.04 -4.40 8.67
C HIS A 3 -12.31 -4.52 7.80
N MET A 4 -13.51 -4.28 8.36
CA MET A 4 -14.78 -4.40 7.60
C MET A 4 -14.80 -3.44 6.39
N ILE A 5 -14.24 -2.25 6.53
CA ILE A 5 -14.16 -1.28 5.44
C ILE A 5 -13.45 -1.83 4.21
N TYR A 6 -12.55 -2.78 4.41
CA TYR A 6 -11.75 -3.33 3.30
C TYR A 6 -12.45 -4.43 2.53
N SER A 7 -13.25 -4.09 1.51
CA SER A 7 -14.00 -5.09 0.74
C SER A 7 -13.13 -5.73 -0.28
N GLU A 8 -13.63 -6.76 -0.92
CA GLU A 8 -12.86 -7.43 -1.95
C GLU A 8 -12.58 -6.46 -3.11
N PHE A 9 -13.57 -5.62 -3.42
CA PHE A 9 -13.46 -4.65 -4.48
C PHE A 9 -12.27 -3.71 -4.22
N ILE A 10 -12.29 -3.08 -3.07
CA ILE A 10 -11.20 -2.21 -2.63
C ILE A 10 -9.84 -2.94 -2.65
N MET A 11 -9.79 -4.13 -2.06
CA MET A 11 -8.51 -4.86 -2.04
C MET A 11 -7.99 -5.24 -3.40
N ASP A 12 -8.85 -5.71 -4.30
CA ASP A 12 -8.47 -5.96 -5.65
C ASP A 12 -7.94 -4.67 -6.32
N TYR A 13 -8.71 -3.56 -6.28
CA TYR A 13 -8.27 -2.36 -6.94
C TYR A 13 -7.01 -1.70 -6.34
N SER A 14 -6.73 -1.92 -5.06
CA SER A 14 -5.54 -1.32 -4.42
C SER A 14 -4.26 -1.95 -4.96
N LYS A 15 -4.35 -3.16 -5.48
CA LYS A 15 -3.18 -3.88 -5.97
C LYS A 15 -2.97 -3.70 -7.45
N LEU A 16 -3.89 -3.02 -8.14
CA LEU A 16 -3.80 -2.89 -9.58
C LEU A 16 -2.52 -2.17 -9.99
N LYS A 17 -1.85 -2.70 -11.02
CA LYS A 17 -0.59 -2.19 -11.49
C LYS A 17 -0.61 -1.41 -12.80
N LYS A 18 -1.61 -1.61 -13.63
CA LYS A 18 -1.57 -1.06 -14.99
C LYS A 18 -1.54 0.48 -15.08
N PHE A 19 -1.97 1.20 -14.03
CA PHE A 19 -1.91 2.68 -14.03
C PHE A 19 -0.81 3.28 -13.20
N HIS A 20 0.08 2.46 -12.64
CA HIS A 20 1.08 2.96 -11.70
C HIS A 20 2.36 3.25 -12.45
N GLY A 21 2.89 4.45 -12.36
CA GLY A 21 4.03 4.85 -13.18
C GLY A 21 3.98 6.33 -13.54
N LYS A 22 4.91 6.73 -14.37
CA LYS A 22 4.99 8.09 -14.87
C LYS A 22 4.66 8.12 -16.34
N ILE A 23 4.30 9.31 -16.81
CA ILE A 23 4.17 9.52 -18.23
C ILE A 23 5.22 10.55 -18.57
N GLU A 24 6.10 10.21 -19.52
CA GLU A 24 7.15 11.11 -19.93
C GLU A 24 6.53 12.25 -20.77
N ASN A 25 7.00 13.47 -20.54
CA ASN A 25 6.47 14.67 -21.14
C ASN A 25 4.95 14.80 -20.97
N ALA A 26 4.48 14.50 -19.77
CA ALA A 26 3.07 14.62 -19.46
C ALA A 26 2.63 16.04 -19.71
N HIS A 27 1.39 16.21 -20.11
CA HIS A 27 0.81 17.50 -20.32
C HIS A 27 0.50 18.13 -18.96
N LYS A 28 0.26 17.33 -17.95
CA LYS A 28 0.02 17.89 -16.61
C LYS A 28 0.46 16.85 -15.56
N VAL A 29 1.13 17.33 -14.52
CA VAL A 29 1.55 16.53 -13.38
C VAL A 29 1.05 17.24 -12.13
N GLU A 30 0.31 16.54 -11.28
CA GLU A 30 -0.21 17.13 -10.02
C GLU A 30 0.01 16.21 -8.83
N GLU A 31 0.59 16.76 -7.76
CA GLU A 31 0.88 15.99 -6.53
C GLU A 31 -0.12 16.31 -5.44
N GLY A 32 -0.49 15.32 -4.63
CA GLY A 32 -1.43 15.56 -3.55
C GLY A 32 -1.06 14.67 -2.41
N LYS A 33 -1.41 15.07 -1.18
CA LYS A 33 -1.08 14.30 0.04
C LYS A 33 -2.23 14.33 1.03
N ASN A 34 -2.38 13.27 1.82
CA ASN A 34 -3.38 13.21 2.91
C ASN A 34 -2.55 12.88 4.12
N LEU A 35 -2.02 13.92 4.76
CA LEU A 35 -1.07 13.76 5.88
C LEU A 35 -1.65 13.06 7.11
N SER A 36 -2.96 13.19 7.36
CA SER A 36 -3.55 12.51 8.52
C SER A 36 -3.39 11.00 8.44
N CYS A 37 -3.18 10.44 7.23
CA CYS A 37 -2.95 9.00 7.00
C CYS A 37 -1.54 8.65 6.50
N GLY A 38 -0.92 9.55 5.71
CA GLY A 38 0.38 9.28 5.08
C GLY A 38 0.31 8.93 3.59
N ASP A 39 -0.82 9.25 2.95
CA ASP A 39 -1.07 8.91 1.53
C ASP A 39 -0.47 9.98 0.62
N GLU A 40 0.17 9.54 -0.45
CA GLU A 40 0.74 10.45 -1.47
C GLU A 40 0.32 9.98 -2.83
N VAL A 41 -0.04 10.89 -3.70
CA VAL A 41 -0.28 10.53 -5.08
C VAL A 41 0.24 11.62 -6.03
N THR A 42 0.91 11.22 -7.10
CA THR A 42 1.25 12.14 -8.19
C THR A 42 0.53 11.66 -9.43
N LEU A 43 -0.35 12.48 -9.98
CA LEU A 43 -1.06 12.13 -11.17
C LEU A 43 -0.36 12.70 -12.42
N TYR A 44 -0.26 11.87 -13.45
CA TYR A 44 0.35 12.26 -14.77
C TYR A 44 -0.78 12.21 -15.84
N PHE A 45 -0.96 13.27 -16.63
CA PHE A 45 -2.03 13.30 -17.64
C PHE A 45 -1.48 13.50 -19.05
N LEU A 46 -2.12 12.83 -20.02
CA LEU A 46 -2.08 13.23 -21.43
C LEU A 46 -3.51 13.53 -21.83
N PHE A 47 -3.65 14.61 -22.61
CA PHE A 47 -4.91 15.12 -23.14
C PHE A 47 -4.83 15.25 -24.66
N ASP A 48 -6.00 15.25 -25.29
CA ASP A 48 -6.15 15.62 -26.68
C ASP A 48 -7.29 16.63 -26.67
N GLY A 49 -6.91 17.89 -26.53
CA GLY A 49 -7.86 18.94 -26.34
C GLY A 49 -8.50 18.71 -25.00
N ASP A 50 -9.82 18.49 -24.99
CA ASP A 50 -10.52 18.30 -23.73
C ASP A 50 -10.63 16.85 -23.34
N LYS A 51 -10.23 15.95 -24.23
CA LYS A 51 -10.32 14.52 -23.92
C LYS A 51 -9.09 14.07 -23.08
N ILE A 52 -9.34 13.26 -22.06
CA ILE A 52 -8.27 12.69 -21.22
C ILE A 52 -7.88 11.39 -21.93
N VAL A 53 -6.67 11.37 -22.45
CA VAL A 53 -6.19 10.24 -23.24
C VAL A 53 -5.46 9.19 -22.38
N ASP A 54 -4.65 9.64 -21.43
CA ASP A 54 -3.96 8.73 -20.51
C ASP A 54 -3.77 9.35 -19.16
N VAL A 55 -3.81 8.50 -18.13
CA VAL A 55 -3.54 8.91 -16.79
C VAL A 55 -2.73 7.76 -16.09
N LYS A 56 -1.68 8.13 -15.41
CA LYS A 56 -0.92 7.25 -14.55
C LYS A 56 -0.70 7.95 -13.17
N PHE A 57 -0.36 7.17 -12.16
CA PHE A 57 0.01 7.73 -10.89
C PHE A 57 1.28 7.13 -10.30
N GLU A 58 1.99 7.98 -9.59
CA GLU A 58 3.07 7.53 -8.73
C GLU A 58 2.73 7.85 -7.28
N GLY A 59 3.60 7.40 -6.39
CA GLY A 59 3.39 7.52 -4.97
C GLY A 59 2.75 6.24 -4.44
N HIS A 60 2.38 6.27 -3.16
CA HIS A 60 1.71 5.15 -2.57
C HIS A 60 0.98 5.60 -1.34
N GLY A 61 0.14 4.73 -0.85
CA GLY A 61 -0.67 5.02 0.30
C GLY A 61 -1.46 3.80 0.77
N CYS A 62 -2.44 4.04 1.63
CA CYS A 62 -3.31 2.99 2.07
C CYS A 62 -4.12 2.31 0.91
N ALA A 63 -4.79 1.22 1.25
CA ALA A 63 -5.59 0.51 0.30
C ALA A 63 -6.78 1.31 -0.26
N ILE A 64 -7.36 2.16 0.55
CA ILE A 64 -8.49 2.95 0.17
C ILE A 64 -8.06 4.06 -0.82
N SER A 65 -6.97 4.78 -0.51
CA SER A 65 -6.44 5.79 -1.42
C SER A 65 -5.96 5.19 -2.77
N GLN A 66 -5.27 4.05 -2.73
CA GLN A 66 -4.79 3.37 -3.94
C GLN A 66 -5.94 2.76 -4.76
N ALA A 67 -6.89 2.09 -4.10
CA ALA A 67 -8.10 1.61 -4.76
C ALA A 67 -8.89 2.73 -5.43
N SER A 68 -9.11 3.80 -4.71
CA SER A 68 -9.80 4.97 -5.23
C SER A 68 -9.09 5.57 -6.45
N THR A 69 -7.78 5.76 -6.36
CA THR A 69 -6.97 6.22 -7.50
C THR A 69 -7.14 5.37 -8.77
N ASN A 70 -7.08 4.06 -8.63
CA ASN A 70 -7.17 3.21 -9.73
C ASN A 70 -8.58 3.20 -10.32
N VAL A 71 -9.62 3.22 -9.50
CA VAL A 71 -10.99 3.20 -10.01
C VAL A 71 -11.22 4.54 -10.73
N MET A 72 -10.71 5.62 -10.17
CA MET A 72 -10.82 6.93 -10.81
C MET A 72 -10.22 6.91 -12.22
N ILE A 73 -8.97 6.42 -12.32
CA ILE A 73 -8.26 6.43 -13.59
C ILE A 73 -9.02 5.63 -14.60
N GLU A 74 -9.41 4.44 -14.20
CA GLU A 74 -10.12 3.53 -15.10
C GLU A 74 -11.40 4.20 -15.63
N GLN A 75 -12.05 4.98 -14.79
CA GLN A 75 -13.30 5.59 -15.19
C GLN A 75 -13.11 6.88 -16.00
N ILE A 76 -12.03 7.63 -15.78
CA ILE A 76 -11.90 8.93 -16.46
C ILE A 76 -11.19 8.90 -17.78
N ILE A 77 -10.41 7.83 -18.05
CA ILE A 77 -9.72 7.75 -19.31
C ILE A 77 -10.74 7.72 -20.42
N GLY A 78 -10.53 8.57 -21.42
CA GLY A 78 -11.44 8.67 -22.56
C GLY A 78 -12.59 9.64 -22.35
N LYS A 79 -12.76 10.17 -21.15
CA LYS A 79 -13.79 11.17 -20.94
C LYS A 79 -13.21 12.55 -21.19
N THR A 80 -14.07 13.56 -21.22
CA THR A 80 -13.62 14.94 -21.26
C THR A 80 -13.24 15.44 -19.89
N LYS A 81 -12.47 16.51 -19.86
CA LYS A 81 -12.21 17.16 -18.62
C LYS A 81 -13.47 17.43 -17.82
N GLN A 82 -14.53 17.89 -18.49
CA GLN A 82 -15.79 18.26 -17.80
C GLN A 82 -16.56 17.03 -17.32
N GLU A 83 -16.56 15.96 -18.08
CA GLU A 83 -17.17 14.74 -17.58
C GLU A 83 -16.44 14.25 -16.34
N ALA A 84 -15.11 14.39 -16.33
CA ALA A 84 -14.33 13.95 -15.17
C ALA A 84 -14.65 14.80 -13.93
N LEU A 85 -14.73 16.11 -14.13
CA LEU A 85 -15.08 17.02 -13.04
C LEU A 85 -16.49 16.77 -12.47
N GLU A 86 -17.41 16.36 -13.33
CA GLU A 86 -18.76 16.05 -12.89
C GLU A 86 -18.76 14.74 -12.10
N MET A 87 -18.00 13.75 -12.58
CA MET A 87 -17.79 12.53 -11.78
C MET A 87 -17.24 12.86 -10.43
N MET A 88 -16.17 13.64 -10.42
CA MET A 88 -15.56 14.10 -9.17
C MET A 88 -16.56 14.77 -8.22
N LYS A 89 -17.39 15.69 -8.75
CA LYS A 89 -18.40 16.36 -7.91
C LYS A 89 -19.39 15.36 -7.29
N ASN A 90 -19.87 14.43 -8.11
CA ASN A 90 -20.67 13.34 -7.61
C ASN A 90 -20.02 12.47 -6.53
N ALA A 91 -18.71 12.22 -6.65
CA ALA A 91 -18.01 11.32 -5.73
C ALA A 91 -17.88 11.98 -4.39
N GLU A 92 -17.54 13.27 -4.42
CA GLU A 92 -17.50 14.06 -3.21
C GLU A 92 -18.91 14.18 -2.58
N ASN A 93 -19.92 14.49 -3.38
CA ASN A 93 -21.30 14.46 -2.85
C ASN A 93 -21.65 13.18 -2.13
N MET A 94 -21.27 12.05 -2.71
CA MET A 94 -21.49 10.75 -2.08
C MET A 94 -20.90 10.73 -0.66
N MET A 95 -19.65 11.20 -0.56
CA MET A 95 -18.93 11.13 0.69
C MET A 95 -19.56 12.00 1.74
N LEU A 96 -19.99 13.19 1.35
CA LEU A 96 -20.74 14.04 2.25
C LEU A 96 -22.09 13.35 2.25
N GLY A 97 -23.07 13.84 2.96
CA GLY A 97 -24.34 13.13 2.94
C GLY A 97 -25.21 13.42 1.74
N LYS A 98 -24.68 14.14 0.76
CA LYS A 98 -25.53 14.81 -0.23
C LYS A 98 -25.96 13.90 -1.35
N GLU A 99 -26.73 14.47 -2.29
CA GLU A 99 -27.34 13.67 -3.34
C GLU A 99 -26.37 13.50 -4.53
N PHE A 100 -26.47 12.36 -5.21
CA PHE A 100 -25.57 12.07 -6.34
C PHE A 100 -26.21 11.16 -7.36
N ASP A 101 -25.59 11.16 -8.52
CA ASP A 101 -26.09 10.46 -9.68
C ASP A 101 -25.36 9.13 -9.89
N GLU A 102 -26.04 8.02 -9.61
CA GLU A 102 -25.43 6.69 -9.64
C GLU A 102 -24.90 6.28 -11.01
N ASN A 103 -25.54 6.77 -12.05
CA ASN A 103 -25.14 6.47 -13.42
C ASN A 103 -23.86 7.17 -13.81
N VAL A 104 -23.61 8.33 -13.25
CA VAL A 104 -22.36 9.02 -13.46
C VAL A 104 -21.21 8.27 -12.74
N LEU A 105 -21.48 7.69 -11.57
CA LEU A 105 -20.43 7.12 -10.74
C LEU A 105 -20.01 5.74 -11.17
N GLY A 106 -20.96 4.95 -11.66
CA GLY A 106 -20.74 3.56 -11.95
C GLY A 106 -20.12 2.79 -10.77
N PRO A 107 -18.98 2.11 -11.01
CA PRO A 107 -18.37 1.29 -9.93
C PRO A 107 -17.78 2.15 -8.78
N ILE A 108 -17.69 3.47 -8.95
CA ILE A 108 -17.24 4.34 -7.89
C ILE A 108 -18.21 4.21 -6.70
N ILE A 109 -19.45 3.77 -6.99
CA ILE A 109 -20.42 3.48 -5.93
C ILE A 109 -19.94 2.40 -4.94
N ASN A 110 -18.96 1.60 -5.35
CA ASN A 110 -18.43 0.58 -4.44
C ASN A 110 -17.73 1.20 -3.19
N PHE A 111 -17.41 2.49 -3.20
CA PHE A 111 -16.85 3.15 -2.07
C PHE A 111 -17.86 3.81 -1.11
N TYR A 112 -19.15 3.69 -1.40
CA TYR A 112 -20.23 4.30 -0.62
C TYR A 112 -19.99 4.16 0.88
N ASP A 113 -19.66 2.97 1.31
CA ASP A 113 -19.47 2.70 2.75
C ASP A 113 -18.38 3.50 3.43
N VAL A 114 -17.44 3.99 2.67
CA VAL A 114 -16.35 4.73 3.26
C VAL A 114 -16.83 5.99 3.97
N LYS A 115 -17.94 6.55 3.50
CA LYS A 115 -18.46 7.77 4.08
C LYS A 115 -18.82 7.63 5.58
N ASN A 116 -18.96 6.40 6.06
CA ASN A 116 -19.20 6.17 7.50
C ASN A 116 -17.92 6.27 8.31
N TYR A 117 -16.76 6.48 7.65
CA TYR A 117 -15.50 6.62 8.34
C TYR A 117 -14.87 7.97 7.96
N PRO A 118 -15.18 9.01 8.72
CA PRO A 118 -14.67 10.34 8.44
C PRO A 118 -13.16 10.45 8.21
N MET A 119 -12.33 9.69 8.90
CA MET A 119 -10.90 9.79 8.60
C MET A 119 -10.55 9.20 7.20
N ARG A 120 -11.19 8.08 6.85
CA ARG A 120 -10.95 7.41 5.56
C ARG A 120 -11.59 8.11 4.36
N VAL A 121 -12.54 9.00 4.60
CA VAL A 121 -13.09 9.82 3.57
C VAL A 121 -12.01 10.62 2.85
N LYS A 122 -11.01 11.06 3.59
CA LYS A 122 -9.90 11.77 2.99
C LYS A 122 -9.01 10.92 2.09
N CYS A 123 -8.88 9.64 2.41
CA CYS A 123 -8.18 8.65 1.62
C CYS A 123 -8.90 8.42 0.28
N PHE A 124 -10.21 8.17 0.33
CA PHE A 124 -11.00 8.10 -0.86
C PHE A 124 -10.91 9.34 -1.75
N LEU A 125 -11.01 10.52 -1.13
CA LEU A 125 -11.04 11.76 -1.87
C LEU A 125 -9.72 12.26 -2.37
N LEU A 126 -8.60 11.76 -1.86
CA LEU A 126 -7.30 12.27 -2.23
C LEU A 126 -7.08 12.32 -3.78
N PRO A 127 -7.24 11.17 -4.49
CA PRO A 127 -7.07 11.27 -5.96
C PRO A 127 -8.04 12.23 -6.60
N TRP A 128 -9.27 12.28 -6.14
CA TRP A 128 -10.31 13.12 -6.77
C TRP A 128 -10.05 14.63 -6.58
N LYS A 129 -9.64 15.00 -5.37
CA LYS A 129 -9.27 16.37 -5.05
C LYS A 129 -8.02 16.79 -5.82
N THR A 130 -7.08 15.86 -5.97
CA THR A 130 -5.89 16.10 -6.78
C THR A 130 -6.24 16.26 -8.23
N LEU A 131 -7.16 15.44 -8.74
CA LEU A 131 -7.66 15.62 -10.08
C LEU A 131 -8.35 16.99 -10.32
N GLU A 132 -9.25 17.38 -9.42
CA GLU A 132 -9.88 18.73 -9.48
C GLU A 132 -8.87 19.86 -9.65
N ILE A 133 -7.86 19.88 -8.80
CA ILE A 133 -6.81 20.89 -8.90
C ILE A 133 -6.12 20.78 -10.24
N ALA A 134 -5.77 19.55 -10.66
CA ALA A 134 -5.07 19.37 -11.92
C ALA A 134 -5.87 19.89 -13.10
N LEU A 135 -7.13 19.55 -13.17
CA LEU A 135 -7.94 19.93 -14.34
C LEU A 135 -8.45 21.40 -14.35
N LYS A 136 -8.44 22.07 -13.22
CA LYS A 136 -8.88 23.46 -13.16
C LYS A 136 -7.86 24.35 -12.45
N GLY B 1 -14.92 -12.22 -0.20
CA GLY B 1 -15.02 -13.34 -1.17
C GLY B 1 -13.70 -13.93 -1.62
N SER B 2 -12.62 -13.13 -1.65
CA SER B 2 -11.28 -13.66 -1.88
C SER B 2 -10.20 -12.79 -1.26
N HIS B 3 -10.60 -12.03 -0.26
CA HIS B 3 -9.81 -10.98 0.36
C HIS B 3 -9.74 -11.28 1.87
N MET B 4 -10.06 -12.53 2.21
CA MET B 4 -10.16 -12.93 3.60
C MET B 4 -8.79 -12.85 4.31
N ILE B 5 -7.72 -13.02 3.54
CA ILE B 5 -6.38 -12.93 4.06
C ILE B 5 -6.14 -11.62 4.80
N TYR B 6 -6.84 -10.56 4.41
CA TYR B 6 -6.63 -9.27 5.00
C TYR B 6 -7.32 -9.05 6.35
N SER B 7 -6.68 -9.54 7.43
CA SER B 7 -7.18 -9.38 8.81
C SER B 7 -6.98 -7.96 9.36
N GLU B 8 -7.63 -7.66 10.47
CA GLU B 8 -7.42 -6.40 11.14
C GLU B 8 -5.93 -6.18 11.48
N PHE B 9 -5.28 -7.23 12.01
CA PHE B 9 -3.86 -7.15 12.36
C PHE B 9 -3.00 -6.68 11.14
N ILE B 10 -3.22 -7.34 10.01
CA ILE B 10 -2.49 -7.05 8.73
C ILE B 10 -2.74 -5.62 8.22
N MET B 11 -4.01 -5.23 8.19
CA MET B 11 -4.34 -3.86 7.76
C MET B 11 -3.83 -2.77 8.72
N ASP B 12 -3.86 -3.01 10.04
CA ASP B 12 -3.25 -2.07 10.96
C ASP B 12 -1.77 -1.91 10.67
N TYR B 13 -1.03 -3.00 10.67
CA TYR B 13 0.42 -2.93 10.47
C TYR B 13 0.85 -2.46 9.06
N SER B 14 -0.02 -2.65 8.08
CA SER B 14 0.25 -2.23 6.71
C SER B 14 0.33 -0.71 6.59
N LYS B 15 -0.53 -0.03 7.33
CA LYS B 15 -0.62 1.41 7.35
C LYS B 15 0.36 2.11 8.32
N LEU B 16 1.02 1.39 9.20
CA LEU B 16 2.02 1.99 10.10
C LEU B 16 3.13 2.72 9.31
N LYS B 17 3.40 3.96 9.69
CA LYS B 17 4.38 4.78 8.98
C LYS B 17 5.63 5.03 9.78
N LYS B 18 5.68 4.62 11.04
CA LYS B 18 6.79 5.02 11.88
C LYS B 18 8.16 4.46 11.44
N PHE B 19 8.21 3.36 10.64
CA PHE B 19 9.49 2.79 10.24
C PHE B 19 9.77 2.99 8.78
N HIS B 20 8.99 3.85 8.16
CA HIS B 20 9.10 4.03 6.73
C HIS B 20 9.93 5.30 6.44
N GLY B 21 10.96 5.15 5.63
CA GLY B 21 11.91 6.21 5.37
C GLY B 21 13.28 5.63 5.07
N LYS B 22 14.25 6.53 4.95
CA LYS B 22 15.64 6.17 4.77
C LYS B 22 16.43 6.51 6.03
N ILE B 23 17.58 5.88 6.16
CA ILE B 23 18.53 6.22 7.21
C ILE B 23 19.73 6.80 6.51
N GLU B 24 20.11 8.02 6.85
CA GLU B 24 21.25 8.66 6.15
C GLU B 24 22.57 8.04 6.63
N ASN B 25 23.47 7.69 5.72
CA ASN B 25 24.71 7.03 6.03
C ASN B 25 24.43 5.68 6.72
N ALA B 26 23.41 4.94 6.23
CA ALA B 26 23.07 3.66 6.83
C ALA B 26 24.31 2.79 6.76
N HIS B 27 24.47 1.90 7.72
CA HIS B 27 25.58 0.92 7.70
C HIS B 27 25.34 -0.14 6.64
N LYS B 28 24.08 -0.37 6.26
CA LYS B 28 23.74 -1.38 5.26
C LYS B 28 22.40 -1.05 4.61
N VAL B 29 22.33 -1.17 3.28
CA VAL B 29 21.12 -0.94 2.51
C VAL B 29 20.95 -2.17 1.66
N GLU B 30 19.71 -2.68 1.57
CA GLU B 30 19.43 -3.94 0.87
C GLU B 30 18.06 -3.86 0.24
N GLU B 31 18.05 -4.02 -1.07
CA GLU B 31 16.82 -3.97 -1.84
C GLU B 31 16.30 -5.37 -2.17
N GLY B 32 14.99 -5.54 -2.01
CA GLY B 32 14.32 -6.78 -2.33
C GLY B 32 13.06 -6.51 -3.13
N LYS B 33 12.71 -7.47 -3.99
CA LYS B 33 11.57 -7.37 -4.84
C LYS B 33 10.86 -8.73 -4.90
N ASN B 34 9.53 -8.74 -4.95
CA ASN B 34 8.80 -10.01 -5.18
C ASN B 34 8.07 -9.67 -6.43
N LEU B 35 8.70 -9.94 -7.59
CA LEU B 35 8.14 -9.47 -8.87
C LEU B 35 6.92 -10.30 -9.31
N SER B 36 6.77 -11.54 -8.81
CA SER B 36 5.49 -12.23 -9.00
C SER B 36 4.25 -11.35 -8.76
N CYS B 37 4.27 -10.57 -7.67
CA CYS B 37 3.14 -9.71 -7.19
C CYS B 37 3.38 -8.26 -7.43
N GLY B 38 4.65 -7.87 -7.40
CA GLY B 38 5.03 -6.49 -7.67
C GLY B 38 5.41 -5.73 -6.40
N ASP B 39 5.99 -6.41 -5.40
CA ASP B 39 6.32 -5.71 -4.13
C ASP B 39 7.79 -5.31 -4.19
N GLU B 40 8.15 -4.20 -3.58
CA GLU B 40 9.58 -3.89 -3.42
C GLU B 40 9.82 -3.28 -2.04
N VAL B 41 10.95 -3.66 -1.44
CA VAL B 41 11.31 -3.08 -0.15
C VAL B 41 12.81 -2.79 -0.14
N THR B 42 13.19 -1.65 0.42
CA THR B 42 14.61 -1.32 0.64
C THR B 42 14.77 -1.17 2.15
N LEU B 43 15.60 -2.04 2.74
CA LEU B 43 15.87 -1.98 4.16
C LEU B 43 17.14 -1.16 4.42
N TYR B 44 17.04 -0.26 5.38
CA TYR B 44 18.19 0.51 5.90
C TYR B 44 18.49 0.12 7.33
N PHE B 45 19.76 -0.16 7.64
CA PHE B 45 20.19 -0.56 8.98
C PHE B 45 21.27 0.36 9.60
N LEU B 46 21.16 0.54 10.89
CA LEU B 46 22.29 0.93 11.75
C LEU B 46 22.51 -0.21 12.72
N PHE B 47 23.77 -0.56 12.91
CA PHE B 47 24.22 -1.61 13.83
C PHE B 47 25.16 -0.99 14.89
N ASP B 48 25.29 -1.65 16.03
CA ASP B 48 26.35 -1.33 16.99
C ASP B 48 27.01 -2.65 17.34
N GLY B 49 28.05 -3.00 16.60
CA GLY B 49 28.61 -4.35 16.60
C GLY B 49 27.61 -5.29 15.98
N ASP B 50 27.16 -6.25 16.78
CA ASP B 50 26.22 -7.25 16.31
C ASP B 50 24.76 -6.88 16.70
N LYS B 51 24.56 -5.74 17.36
CA LYS B 51 23.24 -5.30 17.72
C LYS B 51 22.60 -4.44 16.58
N ILE B 52 21.35 -4.75 16.26
CA ILE B 52 20.60 -3.93 15.32
C ILE B 52 20.05 -2.77 16.10
N VAL B 53 20.54 -1.58 15.80
CA VAL B 53 20.13 -0.37 16.49
C VAL B 53 18.89 0.26 15.84
N ASP B 54 18.84 0.32 14.51
CA ASP B 54 17.69 0.94 13.85
C ASP B 54 17.49 0.30 12.49
N VAL B 55 16.23 0.25 12.07
CA VAL B 55 15.85 -0.25 10.74
C VAL B 55 14.68 0.60 10.24
N LYS B 56 14.79 1.01 8.99
CA LYS B 56 13.74 1.70 8.27
C LYS B 56 13.61 1.05 6.91
N PHE B 57 12.44 1.27 6.25
CA PHE B 57 12.25 0.72 4.90
C PHE B 57 11.68 1.77 3.95
N GLU B 58 12.12 1.67 2.72
CA GLU B 58 11.54 2.38 1.60
C GLU B 58 10.90 1.40 0.61
N GLY B 59 10.12 1.98 -0.29
CA GLY B 59 9.44 1.18 -1.32
C GLY B 59 8.03 0.95 -0.86
N HIS B 60 7.26 0.17 -1.63
CA HIS B 60 5.88 -0.11 -1.30
C HIS B 60 5.45 -1.40 -1.96
N GLY B 61 4.38 -1.97 -1.48
CA GLY B 61 3.90 -3.23 -2.02
C GLY B 61 2.48 -3.53 -1.51
N CYS B 62 2.07 -4.78 -1.59
CA CYS B 62 0.74 -5.14 -1.09
C CYS B 62 0.67 -4.99 0.43
N ALA B 63 -0.54 -5.09 0.98
CA ALA B 63 -0.67 -5.02 2.44
C ALA B 63 0.03 -6.15 3.23
N ILE B 64 0.21 -7.31 2.65
CA ILE B 64 0.86 -8.41 3.32
C ILE B 64 2.37 -8.07 3.42
N SER B 65 2.99 -7.64 2.34
CA SER B 65 4.42 -7.37 2.40
C SER B 65 4.76 -6.20 3.33
N GLN B 66 3.93 -5.17 3.33
CA GLN B 66 4.11 -3.99 4.16
C GLN B 66 3.88 -4.32 5.66
N ALA B 67 2.78 -5.02 5.96
CA ALA B 67 2.51 -5.49 7.31
C ALA B 67 3.67 -6.36 7.83
N SER B 68 4.17 -7.21 6.98
CA SER B 68 5.19 -8.12 7.37
C SER B 68 6.47 -7.35 7.66
N THR B 69 6.78 -6.36 6.80
CA THR B 69 7.94 -5.51 6.98
C THR B 69 7.90 -4.78 8.29
N ASN B 70 6.78 -4.20 8.60
CA ASN B 70 6.62 -3.50 9.86
C ASN B 70 6.68 -4.35 11.11
N VAL B 71 6.07 -5.52 11.09
CA VAL B 71 6.12 -6.36 12.26
C VAL B 71 7.58 -6.88 12.39
N MET B 72 8.21 -7.19 11.27
CA MET B 72 9.61 -7.55 11.28
C MET B 72 10.54 -6.50 11.96
N ILE B 73 10.46 -5.24 11.51
CA ILE B 73 11.28 -4.17 12.08
C ILE B 73 11.01 -3.99 13.58
N GLU B 74 9.72 -3.97 13.93
CA GLU B 74 9.34 -3.80 15.30
C GLU B 74 9.98 -4.91 16.19
N GLN B 75 10.13 -6.12 15.67
CA GLN B 75 10.65 -7.22 16.45
C GLN B 75 12.18 -7.39 16.41
N ILE B 76 12.86 -6.89 15.39
CA ILE B 76 14.27 -7.10 15.30
C ILE B 76 15.07 -5.93 15.86
N ILE B 77 14.47 -4.76 16.03
CA ILE B 77 15.22 -3.62 16.61
C ILE B 77 15.63 -3.91 18.06
N GLY B 78 16.91 -3.75 18.37
CA GLY B 78 17.43 -4.12 19.69
C GLY B 78 17.96 -5.55 19.77
N LYS B 79 17.74 -6.36 18.75
CA LYS B 79 18.25 -7.71 18.77
C LYS B 79 19.61 -7.74 18.14
N THR B 80 20.33 -8.84 18.38
CA THR B 80 21.52 -9.13 17.62
C THR B 80 21.18 -9.62 16.26
N LYS B 81 22.14 -9.53 15.35
CA LYS B 81 22.00 -10.12 14.01
C LYS B 81 21.69 -11.63 14.03
N GLN B 82 22.38 -12.39 14.89
CA GLN B 82 22.11 -13.82 15.13
C GLN B 82 20.64 -14.01 15.57
N GLU B 83 20.17 -13.22 16.54
CA GLU B 83 18.78 -13.33 16.98
C GLU B 83 17.79 -13.05 15.84
N ALA B 84 18.11 -12.07 15.01
CA ALA B 84 17.20 -11.70 13.93
C ALA B 84 17.14 -12.79 12.89
N LEU B 85 18.29 -13.42 12.66
CA LEU B 85 18.40 -14.57 11.76
C LEU B 85 17.70 -15.82 12.28
N GLU B 86 17.76 -16.02 13.59
CA GLU B 86 17.01 -17.14 14.21
C GLU B 86 15.52 -16.89 14.04
N MET B 87 15.11 -15.65 14.21
CA MET B 87 13.70 -15.28 14.04
C MET B 87 13.25 -15.47 12.57
N MET B 88 14.08 -15.00 11.63
CA MET B 88 13.86 -15.21 10.21
C MET B 88 13.64 -16.67 9.79
N LYS B 89 14.53 -17.53 10.25
CA LYS B 89 14.47 -18.99 9.94
C LYS B 89 13.15 -19.58 10.45
N ASN B 90 12.75 -19.19 11.64
CA ASN B 90 11.48 -19.64 12.21
C ASN B 90 10.29 -19.12 11.45
N ALA B 91 10.36 -17.86 10.98
CA ALA B 91 9.30 -17.27 10.14
C ALA B 91 9.12 -18.03 8.85
N GLU B 92 10.26 -18.42 8.26
CA GLU B 92 10.24 -19.19 7.04
C GLU B 92 9.72 -20.62 7.30
N ASN B 93 10.24 -21.30 8.31
CA ASN B 93 9.69 -22.60 8.74
C ASN B 93 8.19 -22.57 8.93
N MET B 94 7.67 -21.51 9.55
CA MET B 94 6.22 -21.39 9.72
C MET B 94 5.45 -21.43 8.39
N MET B 95 5.94 -20.75 7.35
CA MET B 95 5.30 -20.81 6.03
C MET B 95 5.50 -22.14 5.30
N LEU B 96 6.62 -22.83 5.53
CA LEU B 96 6.91 -24.09 4.84
C LEU B 96 6.28 -25.30 5.51
N GLY B 97 5.41 -25.10 6.50
CA GLY B 97 4.85 -26.21 7.26
C GLY B 97 5.83 -26.92 8.17
N LYS B 98 7.07 -26.48 8.21
CA LYS B 98 8.05 -27.08 9.10
C LYS B 98 7.79 -26.59 10.51
N GLU B 99 8.59 -27.02 11.45
CA GLU B 99 8.29 -26.72 12.85
C GLU B 99 9.00 -25.41 13.22
N PHE B 100 8.42 -24.69 14.18
CA PHE B 100 8.91 -23.40 14.55
C PHE B 100 8.68 -23.17 16.04
N ASP B 101 9.45 -22.22 16.56
CA ASP B 101 9.43 -21.85 17.95
C ASP B 101 8.52 -20.62 18.11
N GLU B 102 7.32 -20.86 18.62
CA GLU B 102 6.34 -19.83 18.89
C GLU B 102 6.90 -18.69 19.74
N ASN B 103 7.75 -18.99 20.73
CA ASN B 103 8.27 -17.95 21.62
C ASN B 103 9.18 -16.99 20.90
N VAL B 104 9.96 -17.52 19.97
CA VAL B 104 10.81 -16.73 19.12
C VAL B 104 10.01 -15.79 18.22
N LEU B 105 8.91 -16.25 17.64
CA LEU B 105 8.15 -15.46 16.68
C LEU B 105 7.27 -14.39 17.27
N GLY B 106 6.81 -14.59 18.50
CA GLY B 106 5.88 -13.65 19.11
C GLY B 106 4.73 -13.30 18.18
N PRO B 107 4.50 -11.99 17.95
CA PRO B 107 3.33 -11.59 17.15
C PRO B 107 3.43 -11.92 15.68
N ILE B 108 4.59 -12.37 15.24
CA ILE B 108 4.77 -12.85 13.84
C ILE B 108 3.87 -14.03 13.56
N ILE B 109 3.45 -14.71 14.61
CA ILE B 109 2.53 -15.78 14.45
C ILE B 109 1.20 -15.32 13.89
N ASN B 110 0.88 -14.03 13.98
CA ASN B 110 -0.33 -13.56 13.34
C ASN B 110 -0.32 -13.67 11.81
N PHE B 111 0.83 -13.94 11.20
CA PHE B 111 0.84 -14.25 9.78
C PHE B 111 0.65 -15.73 9.42
N TYR B 112 0.35 -16.58 10.41
CA TYR B 112 0.25 -18.01 10.20
C TYR B 112 -0.69 -18.30 9.07
N ASP B 113 -1.83 -17.63 9.03
CA ASP B 113 -2.87 -17.97 8.01
C ASP B 113 -2.42 -17.70 6.54
N VAL B 114 -1.37 -16.89 6.37
CA VAL B 114 -0.87 -16.55 5.05
C VAL B 114 -0.40 -17.81 4.35
N LYS B 115 0.08 -18.79 5.11
CA LYS B 115 0.54 -20.00 4.45
C LYS B 115 -0.58 -20.74 3.65
N ASN B 116 -1.85 -20.40 3.91
CA ASN B 116 -2.96 -20.99 3.17
C ASN B 116 -3.10 -20.39 1.79
N TYR B 117 -2.39 -19.30 1.52
CA TYR B 117 -2.46 -18.65 0.24
C TYR B 117 -1.06 -18.67 -0.37
N PRO B 118 -0.73 -19.76 -1.11
CA PRO B 118 0.65 -19.96 -1.51
C PRO B 118 1.31 -18.86 -2.34
N MET B 119 0.57 -18.02 -3.06
CA MET B 119 1.25 -16.88 -3.77
C MET B 119 1.67 -15.75 -2.79
N ARG B 120 0.87 -15.55 -1.73
CA ARG B 120 1.12 -14.48 -0.77
C ARG B 120 2.21 -14.83 0.24
N VAL B 121 2.64 -16.08 0.25
CA VAL B 121 3.78 -16.50 1.04
C VAL B 121 5.03 -15.74 0.70
N LYS B 122 5.16 -15.39 -0.57
CA LYS B 122 6.29 -14.58 -1.05
C LYS B 122 6.21 -13.16 -0.59
N CYS B 123 5.00 -12.64 -0.49
CA CYS B 123 4.76 -11.31 0.05
C CYS B 123 5.18 -11.21 1.55
N PHE B 124 4.71 -12.15 2.38
CA PHE B 124 5.15 -12.29 3.74
C PHE B 124 6.69 -12.45 3.87
N LEU B 125 7.27 -13.30 3.04
CA LEU B 125 8.69 -13.60 3.13
C LEU B 125 9.63 -12.54 2.57
N LEU B 126 9.15 -11.66 1.72
CA LEU B 126 10.07 -10.66 1.11
C LEU B 126 10.97 -9.90 2.10
N PRO B 127 10.41 -9.22 3.12
CA PRO B 127 11.31 -8.51 4.02
C PRO B 127 12.25 -9.41 4.79
N TRP B 128 11.79 -10.60 5.10
CA TRP B 128 12.64 -11.54 5.82
C TRP B 128 13.79 -12.10 5.01
N LYS B 129 13.53 -12.42 3.78
CA LYS B 129 14.61 -12.88 2.92
C LYS B 129 15.55 -11.73 2.58
N THR B 130 14.99 -10.53 2.50
CA THR B 130 15.79 -9.34 2.29
C THR B 130 16.72 -9.09 3.48
N LEU B 131 16.18 -9.33 4.68
CA LEU B 131 16.92 -9.22 5.92
C LEU B 131 18.03 -10.27 5.94
N GLU B 132 17.71 -11.51 5.51
CA GLU B 132 18.71 -12.61 5.50
C GLU B 132 19.95 -12.27 4.68
N ILE B 133 19.73 -11.82 3.48
CA ILE B 133 20.80 -11.44 2.59
C ILE B 133 21.60 -10.28 3.17
N ALA B 134 20.90 -9.26 3.69
CA ALA B 134 21.57 -8.12 4.26
C ALA B 134 22.46 -8.48 5.40
N LEU B 135 22.00 -9.34 6.30
CA LEU B 135 22.76 -9.63 7.52
C LEU B 135 23.90 -10.64 7.34
N LYS B 136 24.12 -11.14 6.15
CA LYS B 136 25.22 -12.05 5.91
C LYS B 136 26.22 -11.40 4.98
#